data_2HI4
#
_entry.id   2HI4
#
_cell.length_a   79.630
_cell.length_b   80.820
_cell.length_c   175.820
_cell.angle_alpha   90.000
_cell.angle_beta   90.000
_cell.angle_gamma   90.000
#
_symmetry.space_group_name_H-M   'I 2 2 2'
#
loop_
_entity.id
_entity.type
_entity.pdbx_description
1 polymer 'Cytochrome P450 1A2'
2 non-polymer 'PROTOPORPHYRIN IX CONTAINING FE'
3 non-polymer 2-PHENYL-4H-BENZO[H]CHROMEN-4-ONE
4 water water
#
_entity_poly.entity_id   1
_entity_poly.type   'polypeptide(L)'
_entity_poly.pdbx_seq_one_letter_code
;MAVLKGLRPRVPKGLKSPPEPWGWPLLGHVLTLGKNPHLALSRMSQRYGDVLQIRIGSTPVLVLSRLDTIRQALVRQGDD
FKGRPDLYTSTLITDGQSLTFSTDSGPVWAARRRLAQNALNTFSIASDPASSSSCYLEEHVSKEAKALISRLQELMAGPG
HFDPYNQVVVSVANVIGAMCFGQHFPESSDEMLSLVKNTHEFVETASSGNPLDFFPILRYLPNPALQRFKAFNQRFLWFL
QKTVQEHYQDFDKNSVRDITGALFKHSKKGPRASGNLIPQEKIVNLVNDIFGAGFDTVTTAISWSLMYLVTKPEIQRKIQ
KELDTVIGRERRPRLSDRPQLPYLEAFILETFRHSSFLPFTIPHSTTRDTTLNGFYIPKKCCVFVNQWQVNHDPELWEDP
SEFRPERFLTADGTAINKPLSEKMMLFGMGKRRCIGEVLAKWEIFLFLAILLQQLEFSVPPGVKVDLTPIYGLTMKHARC
EHVQARRFSINHHHH
;
_entity_poly.pdbx_strand_id   A
#
loop_
_chem_comp.id
_chem_comp.type
_chem_comp.name
_chem_comp.formula
BHF non-polymer 2-PHENYL-4H-BENZO[H]CHROMEN-4-ONE 'C19 H12 O2'
HEM non-polymer 'PROTOPORPHYRIN IX CONTAINING FE' 'C34 H32 Fe N4 O4'
#
# COMPACT_ATOMS: atom_id res chain seq x y z
N ARG A 10 -29.32 20.65 12.87
CA ARG A 10 -28.12 19.98 12.30
C ARG A 10 -27.74 18.70 13.04
N VAL A 11 -28.17 18.55 14.30
CA VAL A 11 -27.87 17.31 15.07
C VAL A 11 -29.21 16.85 15.71
N PRO A 12 -29.58 15.56 15.60
CA PRO A 12 -30.87 15.22 16.23
C PRO A 12 -30.90 15.54 17.73
N LYS A 13 -32.12 15.71 18.19
CA LYS A 13 -32.44 16.01 19.57
C LYS A 13 -31.86 14.93 20.47
N GLY A 14 -31.25 15.38 21.56
CA GLY A 14 -30.71 14.44 22.53
C GLY A 14 -29.37 13.82 22.21
N LEU A 15 -28.76 14.12 21.07
CA LEU A 15 -27.46 13.51 20.77
C LEU A 15 -26.36 14.58 20.75
N LYS A 16 -25.11 14.19 20.93
CA LYS A 16 -24.07 15.20 20.79
C LYS A 16 -23.04 14.83 19.74
N SER A 17 -22.36 15.85 19.23
CA SER A 17 -21.32 15.66 18.23
C SER A 17 -19.99 15.28 18.88
N PRO A 18 -19.08 14.72 18.09
CA PRO A 18 -17.74 14.29 18.53
C PRO A 18 -16.97 15.50 19.05
N PRO A 19 -15.97 15.28 19.92
CA PRO A 19 -15.12 16.33 20.51
C PRO A 19 -14.37 17.11 19.42
N GLU A 20 -14.43 18.44 19.46
CA GLU A 20 -13.73 19.29 18.46
C GLU A 20 -12.81 20.37 19.05
N PRO A 21 -11.50 20.26 18.85
CA PRO A 21 -10.57 21.26 19.37
C PRO A 21 -10.88 22.62 18.74
N TRP A 22 -10.47 23.70 19.41
CA TRP A 22 -10.66 25.08 18.93
C TRP A 22 -9.87 25.23 17.62
N GLY A 23 -10.44 25.96 16.68
CA GLY A 23 -9.75 26.18 15.43
C GLY A 23 -9.84 27.62 14.98
N TRP A 24 -9.02 28.00 14.02
CA TRP A 24 -9.02 29.38 13.52
C TRP A 24 -10.12 29.59 12.54
N PRO A 25 -10.62 30.83 12.45
CA PRO A 25 -11.70 31.11 11.49
C PRO A 25 -11.13 30.89 10.10
N LEU A 26 -11.98 30.41 9.19
CA LEU A 26 -11.60 30.17 7.82
C LEU A 26 -10.66 29.00 7.63
N LEU A 27 -9.59 28.95 8.43
CA LEU A 27 -8.59 27.88 8.34
C LEU A 27 -8.93 26.58 9.07
N GLY A 28 -9.66 26.68 10.18
CA GLY A 28 -9.98 25.48 10.93
C GLY A 28 -8.70 24.95 11.55
N HIS A 29 -8.39 23.68 11.37
CA HIS A 29 -7.18 23.20 11.97
C HIS A 29 -6.06 22.93 10.97
N VAL A 30 -6.16 23.44 9.74
CA VAL A 30 -5.12 23.11 8.77
C VAL A 30 -3.69 23.39 9.13
N LEU A 31 -3.42 24.52 9.78
CA LEU A 31 -2.04 24.83 10.13
C LEU A 31 -1.51 23.81 11.12
N THR A 32 -2.38 23.22 11.93
CA THR A 32 -1.92 22.20 12.86
C THR A 32 -1.40 20.91 12.22
N LEU A 33 -1.99 20.48 11.10
CA LEU A 33 -1.55 19.24 10.42
C LEU A 33 -0.09 19.31 9.95
N GLY A 34 0.32 20.47 9.43
CA GLY A 34 1.68 20.67 8.96
C GLY A 34 2.09 19.69 7.90
N LYS A 35 3.39 19.44 7.83
CA LYS A 35 3.94 18.53 6.84
C LYS A 35 3.80 17.09 7.20
N ASN A 36 3.44 16.78 8.45
CA ASN A 36 3.29 15.41 8.88
C ASN A 36 1.98 15.28 9.64
N PRO A 37 0.86 15.24 8.88
CA PRO A 37 -0.49 15.13 9.41
C PRO A 37 -0.73 13.99 10.35
N HIS A 38 -0.09 12.86 10.09
CA HIS A 38 -0.28 11.72 10.95
C HIS A 38 0.34 11.94 12.33
N LEU A 39 1.48 12.66 12.38
CA LEU A 39 2.15 12.92 13.68
C LEU A 39 1.36 13.89 14.55
N ALA A 40 0.86 14.94 13.92
CA ALA A 40 0.06 15.94 14.57
C ALA A 40 -1.30 15.42 15.05
N LEU A 41 -1.95 14.58 14.25
CA LEU A 41 -3.25 14.04 14.65
C LEU A 41 -3.04 12.97 15.71
N SER A 42 -1.87 12.35 15.72
CA SER A 42 -1.64 11.34 16.75
C SER A 42 -1.57 12.08 18.12
N ARG A 43 -0.98 13.25 18.13
CA ARG A 43 -0.89 14.06 19.37
C ARG A 43 -2.25 14.63 19.72
N MET A 44 -2.97 15.13 18.73
CA MET A 44 -4.28 15.70 18.98
C MET A 44 -5.20 14.65 19.56
N SER A 45 -5.08 13.40 19.07
CA SER A 45 -5.93 12.33 19.56
C SER A 45 -5.53 11.95 20.97
N GLN A 46 -4.24 11.99 21.26
CA GLN A 46 -3.77 11.66 22.59
C GLN A 46 -4.35 12.60 23.62
N ARG A 47 -4.84 13.76 23.19
CA ARG A 47 -5.47 14.69 24.11
C ARG A 47 -7.00 14.58 24.12
N TYR A 48 -7.62 14.58 22.93
CA TYR A 48 -9.07 14.57 22.84
C TYR A 48 -9.82 13.27 22.80
N GLY A 49 -9.21 12.25 22.23
CA GLY A 49 -9.89 10.99 22.12
C GLY A 49 -9.66 10.22 20.83
N ASP A 50 -10.18 9.01 20.88
CA ASP A 50 -10.08 8.06 19.79
C ASP A 50 -11.09 8.37 18.68
N VAL A 51 -12.01 9.30 18.98
CA VAL A 51 -13.07 9.72 18.08
C VAL A 51 -13.21 11.22 18.22
N LEU A 52 -12.65 11.94 17.28
CA LEU A 52 -12.75 13.38 17.34
C LEU A 52 -12.96 13.97 15.97
N GLN A 53 -13.40 15.22 15.96
CA GLN A 53 -13.52 15.82 14.67
C GLN A 53 -12.63 17.03 14.64
N ILE A 54 -12.09 17.31 13.48
CA ILE A 54 -11.27 18.50 13.26
C ILE A 54 -11.97 19.21 12.11
N ARG A 55 -11.40 20.30 11.65
CA ARG A 55 -12.05 20.95 10.56
C ARG A 55 -10.89 21.40 9.74
N ILE A 56 -10.99 21.23 8.41
CA ILE A 56 -9.92 21.67 7.50
C ILE A 56 -10.69 22.65 6.66
N GLY A 57 -10.27 23.93 6.68
CA GLY A 57 -11.06 24.95 5.99
C GLY A 57 -12.35 24.93 6.80
N SER A 58 -13.49 24.77 6.16
CA SER A 58 -14.76 24.68 6.91
C SER A 58 -15.34 23.27 6.83
N THR A 59 -14.57 22.34 6.27
CA THR A 59 -15.05 20.95 6.15
C THR A 59 -14.78 20.11 7.37
N PRO A 60 -15.85 19.56 7.99
CA PRO A 60 -15.66 18.71 9.18
C PRO A 60 -14.97 17.41 8.76
N VAL A 61 -14.03 16.95 9.57
CA VAL A 61 -13.36 15.68 9.30
C VAL A 61 -13.29 14.86 10.60
N LEU A 62 -13.80 13.62 10.55
CA LEU A 62 -13.77 12.71 11.70
C LEU A 62 -12.44 11.95 11.72
N VAL A 63 -11.73 11.95 12.86
CA VAL A 63 -10.46 11.22 12.94
C VAL A 63 -10.54 10.04 13.91
N LEU A 64 -10.22 8.85 13.43
CA LEU A 64 -10.28 7.70 14.28
C LEU A 64 -8.83 7.20 14.53
N SER A 65 -8.50 6.95 15.81
CA SER A 65 -7.13 6.59 16.21
C SER A 65 -6.82 5.33 17.03
N ARG A 66 -7.84 4.72 17.61
CA ARG A 66 -7.60 3.55 18.44
C ARG A 66 -8.07 2.33 17.73
N LEU A 67 -7.30 1.27 17.90
CA LEU A 67 -7.66 0.04 17.25
C LEU A 67 -9.11 -0.41 17.54
N ASP A 68 -9.55 -0.34 18.81
CA ASP A 68 -10.91 -0.75 19.14
C ASP A 68 -11.96 0.10 18.41
N THR A 69 -11.76 1.41 18.45
CA THR A 69 -12.71 2.33 17.84
C THR A 69 -12.77 2.17 16.32
N ILE A 70 -11.62 1.94 15.71
CA ILE A 70 -11.50 1.77 14.27
C ILE A 70 -12.22 0.49 13.85
N ARG A 71 -12.10 -0.56 14.66
CA ARG A 71 -12.76 -1.83 14.36
C ARG A 71 -14.25 -1.66 14.50
N GLN A 72 -14.66 -0.88 15.52
CA GLN A 72 -16.08 -0.59 15.69
C GLN A 72 -16.66 0.11 14.46
N ALA A 73 -15.94 1.13 13.94
CA ALA A 73 -16.44 1.86 12.79
C ALA A 73 -16.31 1.07 11.49
N LEU A 74 -15.10 0.67 11.14
CA LEU A 74 -14.85 -0.02 9.86
C LEU A 74 -15.31 -1.44 9.74
N VAL A 75 -15.45 -2.14 10.87
CA VAL A 75 -15.90 -3.52 10.81
C VAL A 75 -17.31 -3.67 11.30
N ARG A 76 -17.55 -3.43 12.58
CA ARG A 76 -18.90 -3.65 13.09
C ARG A 76 -19.97 -2.70 12.44
N GLN A 77 -19.64 -1.44 12.16
CA GLN A 77 -20.55 -0.50 11.48
C GLN A 77 -20.04 -0.32 10.05
N GLY A 78 -19.39 -1.37 9.57
CA GLY A 78 -18.75 -1.32 8.27
C GLY A 78 -19.59 -0.74 7.18
N ASP A 79 -20.86 -1.08 7.12
CA ASP A 79 -21.70 -0.57 6.04
C ASP A 79 -21.88 0.95 6.18
N ASP A 80 -21.71 1.48 7.39
CA ASP A 80 -21.89 2.92 7.54
C ASP A 80 -20.60 3.61 7.17
N PHE A 81 -19.47 2.92 7.31
CA PHE A 81 -18.22 3.60 7.01
C PHE A 81 -17.52 3.18 5.76
N LYS A 82 -18.22 2.59 4.79
CA LYS A 82 -17.48 2.13 3.59
C LYS A 82 -17.38 3.11 2.42
N GLY A 83 -17.90 4.32 2.57
CA GLY A 83 -17.86 5.29 1.49
C GLY A 83 -16.52 5.92 1.23
N ARG A 84 -16.39 6.56 0.06
CA ARG A 84 -15.21 7.35 -0.25
C ARG A 84 -15.74 8.76 -0.39
N PRO A 85 -15.02 9.73 0.16
CA PRO A 85 -15.44 11.14 0.08
C PRO A 85 -15.21 11.69 -1.31
N ASP A 86 -16.05 12.64 -1.69
CA ASP A 86 -15.97 13.25 -3.01
C ASP A 86 -14.88 14.32 -3.08
N LEU A 87 -13.63 13.89 -3.10
CA LEU A 87 -12.56 14.87 -3.10
C LEU A 87 -12.10 15.31 -4.48
N TYR A 88 -11.71 16.59 -4.57
CA TYR A 88 -11.14 17.16 -5.79
C TYR A 88 -10.00 16.36 -6.38
N THR A 89 -9.03 16.00 -5.56
CA THR A 89 -7.88 15.24 -6.04
C THR A 89 -8.34 13.92 -6.61
N SER A 90 -9.31 13.29 -5.96
CA SER A 90 -9.84 12.02 -6.43
C SER A 90 -10.50 12.16 -7.81
N THR A 91 -11.09 13.30 -8.12
CA THR A 91 -11.75 13.47 -9.45
C THR A 91 -10.69 13.39 -10.57
N LEU A 92 -9.42 13.61 -10.23
CA LEU A 92 -8.36 13.62 -11.24
C LEU A 92 -7.68 12.31 -11.38
N ILE A 93 -8.17 11.31 -10.65
CA ILE A 93 -7.51 10.03 -10.67
C ILE A 93 -8.08 9.18 -11.80
N THR A 94 -7.16 8.73 -12.66
CA THR A 94 -7.42 7.92 -13.86
C THR A 94 -8.64 8.40 -14.62
N ASP A 95 -9.68 7.58 -14.67
CA ASP A 95 -10.85 7.98 -15.46
C ASP A 95 -11.96 8.47 -14.55
N GLY A 96 -11.60 8.74 -13.29
CA GLY A 96 -12.58 9.20 -12.31
C GLY A 96 -13.48 8.03 -11.93
N GLN A 97 -13.05 6.86 -12.36
CA GLN A 97 -13.88 5.73 -12.07
C GLN A 97 -13.14 4.63 -11.33
N SER A 98 -12.02 4.94 -10.64
CA SER A 98 -11.29 3.87 -9.98
C SER A 98 -12.11 3.21 -8.84
N LEU A 99 -11.84 1.93 -8.60
CA LEU A 99 -12.45 1.13 -7.57
C LEU A 99 -12.01 1.79 -6.22
N THR A 100 -10.73 2.10 -6.13
CA THR A 100 -10.11 2.68 -4.90
C THR A 100 -10.64 4.06 -4.49
N PHE A 101 -10.62 5.00 -5.44
CA PHE A 101 -11.00 6.37 -5.27
C PHE A 101 -12.37 6.93 -5.60
N SER A 102 -13.14 6.20 -6.41
CA SER A 102 -14.42 6.76 -6.82
C SER A 102 -15.39 6.73 -5.66
N THR A 103 -16.39 7.60 -5.69
CA THR A 103 -17.34 7.68 -4.60
C THR A 103 -18.37 6.59 -4.53
N ASP A 104 -18.53 5.81 -5.58
CA ASP A 104 -19.50 4.77 -5.53
C ASP A 104 -19.12 3.70 -4.52
N SER A 105 -20.05 3.28 -3.71
CA SER A 105 -19.72 2.25 -2.76
C SER A 105 -20.92 1.37 -2.59
N GLY A 106 -21.79 1.34 -3.59
CA GLY A 106 -22.97 0.51 -3.47
C GLY A 106 -22.76 -0.87 -4.17
N PRO A 107 -23.80 -1.48 -4.73
CA PRO A 107 -23.64 -2.80 -5.37
C PRO A 107 -22.62 -2.92 -6.52
N VAL A 108 -22.43 -1.83 -7.27
CA VAL A 108 -21.53 -1.84 -8.41
C VAL A 108 -20.15 -1.86 -7.83
N TRP A 109 -19.85 -1.03 -6.82
CA TRP A 109 -18.50 -1.11 -6.22
C TRP A 109 -18.29 -2.52 -5.69
N ALA A 110 -19.33 -3.10 -5.08
CA ALA A 110 -19.11 -4.39 -4.45
C ALA A 110 -18.78 -5.49 -5.46
N ALA A 111 -19.50 -5.46 -6.56
CA ALA A 111 -19.30 -6.45 -7.63
C ALA A 111 -17.90 -6.29 -8.33
N ARG A 112 -17.49 -5.04 -8.55
CA ARG A 112 -16.21 -4.75 -9.17
C ARG A 112 -15.09 -5.21 -8.22
N ARG A 113 -15.28 -4.97 -6.93
CA ARG A 113 -14.24 -5.43 -5.97
C ARG A 113 -14.04 -6.95 -5.99
N ARG A 114 -15.14 -7.69 -6.05
CA ARG A 114 -15.07 -9.13 -6.05
C ARG A 114 -14.41 -9.59 -7.33
N LEU A 115 -14.79 -9.00 -8.48
CA LEU A 115 -14.18 -9.40 -9.75
C LEU A 115 -12.67 -9.00 -9.72
N ALA A 116 -12.34 -7.83 -9.16
CA ALA A 116 -10.92 -7.45 -9.10
C ALA A 116 -10.19 -8.50 -8.26
N GLN A 117 -10.70 -8.73 -7.07
CA GLN A 117 -10.10 -9.67 -6.11
C GLN A 117 -9.92 -11.10 -6.63
N ASN A 118 -10.94 -11.60 -7.32
CA ASN A 118 -10.87 -12.94 -7.85
C ASN A 118 -9.87 -13.06 -9.01
N ALA A 119 -9.93 -12.14 -9.97
CA ALA A 119 -8.99 -12.15 -11.08
C ALA A 119 -7.58 -11.99 -10.51
N LEU A 120 -7.41 -11.07 -9.56
CA LEU A 120 -6.09 -10.92 -8.99
C LEU A 120 -5.63 -12.22 -8.38
N ASN A 121 -6.51 -12.88 -7.60
CA ASN A 121 -6.10 -14.12 -6.91
C ASN A 121 -5.75 -15.23 -7.91
N THR A 122 -6.55 -15.38 -8.96
CA THR A 122 -6.27 -16.40 -9.97
C THR A 122 -4.84 -16.36 -10.48
N PHE A 123 -4.35 -15.17 -10.78
CA PHE A 123 -3.00 -15.02 -11.30
C PHE A 123 -1.95 -14.60 -10.26
N SER A 124 -2.15 -14.91 -8.98
CA SER A 124 -1.11 -14.54 -8.03
C SER A 124 -0.89 -15.63 -7.03
N ILE A 125 -1.78 -15.70 -6.06
CA ILE A 125 -1.70 -16.67 -4.97
C ILE A 125 -2.37 -18.01 -5.21
N ALA A 126 -3.11 -18.14 -6.29
CA ALA A 126 -3.72 -19.45 -6.55
C ALA A 126 -2.64 -20.20 -7.31
N SER A 127 -2.54 -21.51 -7.13
CA SER A 127 -1.52 -22.31 -7.86
C SER A 127 -1.64 -22.21 -9.39
N ASP A 128 -0.50 -22.24 -10.08
CA ASP A 128 -0.45 -22.15 -11.54
C ASP A 128 -0.60 -23.51 -12.20
N PRO A 129 -1.47 -23.64 -13.21
CA PRO A 129 -1.67 -24.93 -13.90
C PRO A 129 -0.34 -25.51 -14.46
N ALA A 130 0.24 -24.82 -15.44
CA ALA A 130 1.50 -25.24 -16.06
C ALA A 130 2.48 -25.77 -15.00
N SER A 131 2.46 -25.15 -13.83
CA SER A 131 3.35 -25.55 -12.76
C SER A 131 2.87 -26.80 -12.07
N SER A 132 3.78 -27.46 -11.36
CA SER A 132 3.47 -28.69 -10.65
C SER A 132 3.48 -28.47 -9.14
N SER A 133 3.91 -27.30 -8.70
CA SER A 133 4.04 -27.09 -7.25
C SER A 133 3.88 -25.69 -6.65
N SER A 134 3.91 -24.62 -7.44
CA SER A 134 3.80 -23.28 -6.86
C SER A 134 2.77 -22.37 -7.53
N CYS A 135 2.45 -21.24 -6.90
CA CYS A 135 1.48 -20.31 -7.47
C CYS A 135 2.18 -19.33 -8.40
N TYR A 136 1.42 -18.72 -9.29
CA TYR A 136 2.00 -17.74 -10.20
C TYR A 136 2.96 -16.78 -9.51
N LEU A 137 2.51 -16.19 -8.40
CA LEU A 137 3.32 -15.22 -7.71
C LEU A 137 4.71 -15.75 -7.41
N GLU A 138 4.78 -16.89 -6.76
CA GLU A 138 6.08 -17.43 -6.44
C GLU A 138 6.93 -17.60 -7.70
N GLU A 139 6.34 -18.08 -8.79
CA GLU A 139 7.11 -18.22 -10.03
C GLU A 139 7.67 -16.88 -10.54
N HIS A 140 6.84 -15.85 -10.57
CA HIS A 140 7.32 -14.53 -11.04
C HIS A 140 8.36 -13.95 -10.10
N VAL A 141 8.09 -13.96 -8.82
CA VAL A 141 9.04 -13.41 -7.87
C VAL A 141 10.38 -14.14 -7.87
N SER A 142 10.36 -15.47 -7.90
CA SER A 142 11.61 -16.21 -7.95
C SER A 142 12.47 -15.76 -9.12
N LYS A 143 11.84 -15.62 -10.29
CA LYS A 143 12.56 -15.22 -11.47
C LYS A 143 13.06 -13.82 -11.31
N GLU A 144 12.19 -12.92 -10.83
CA GLU A 144 12.64 -11.54 -10.71
C GLU A 144 13.64 -11.28 -9.58
N ALA A 145 13.52 -12.02 -8.48
CA ALA A 145 14.47 -11.87 -7.37
C ALA A 145 15.92 -12.36 -7.81
N LYS A 146 16.00 -13.40 -8.64
CA LYS A 146 17.28 -13.91 -9.13
C LYS A 146 17.89 -12.83 -10.04
N ALA A 147 17.14 -12.46 -11.07
CA ALA A 147 17.61 -11.43 -11.97
C ALA A 147 17.93 -10.18 -11.16
N LEU A 148 17.22 -9.92 -10.08
CA LEU A 148 17.62 -8.72 -9.33
C LEU A 148 19.02 -8.95 -8.76
N ILE A 149 19.26 -10.13 -8.20
CA ILE A 149 20.57 -10.40 -7.61
C ILE A 149 21.68 -10.18 -8.64
N SER A 150 21.45 -10.67 -9.87
CA SER A 150 22.39 -10.56 -10.98
C SER A 150 22.65 -9.11 -11.34
N ARG A 151 21.59 -8.33 -11.33
CA ARG A 151 21.70 -6.93 -11.65
C ARG A 151 22.51 -6.23 -10.55
N LEU A 152 22.28 -6.63 -9.30
CA LEU A 152 23.01 -6.01 -8.19
C LEU A 152 24.49 -6.36 -8.16
N GLN A 153 24.83 -7.61 -8.49
CA GLN A 153 26.23 -8.00 -8.53
C GLN A 153 26.90 -7.20 -9.66
N GLU A 154 26.24 -7.13 -10.82
CA GLU A 154 26.73 -6.35 -11.96
C GLU A 154 27.08 -4.92 -11.53
N LEU A 155 26.15 -4.27 -10.83
CA LEU A 155 26.41 -2.91 -10.41
C LEU A 155 27.52 -2.78 -9.41
N MET A 156 27.71 -3.83 -8.61
CA MET A 156 28.79 -3.81 -7.61
C MET A 156 30.11 -4.07 -8.35
N ALA A 157 30.11 -4.91 -9.39
CA ALA A 157 31.34 -5.13 -10.13
C ALA A 157 31.76 -3.89 -10.94
N GLY A 158 30.90 -2.85 -10.99
CA GLY A 158 31.17 -1.63 -11.74
C GLY A 158 31.20 -0.33 -10.94
N PRO A 159 30.12 0.45 -10.91
CA PRO A 159 30.22 1.68 -10.11
C PRO A 159 30.50 1.33 -8.66
N GLY A 160 30.08 0.13 -8.24
CA GLY A 160 30.32 -0.30 -6.86
C GLY A 160 29.34 0.20 -5.78
N HIS A 161 28.13 0.53 -6.23
CA HIS A 161 27.06 1.04 -5.37
C HIS A 161 25.83 1.16 -6.25
N PHE A 162 24.67 1.40 -5.62
CA PHE A 162 23.39 1.54 -6.32
C PHE A 162 22.37 2.19 -5.38
N ASP A 163 21.20 2.47 -5.96
CA ASP A 163 20.07 3.08 -5.25
C ASP A 163 19.10 1.92 -5.12
N PRO A 164 18.87 1.44 -3.87
CA PRO A 164 17.95 0.31 -3.70
C PRO A 164 16.53 0.53 -4.23
N TYR A 165 15.96 1.71 -4.03
CA TYR A 165 14.61 2.05 -4.49
C TYR A 165 14.48 1.83 -6.01
N ASN A 166 15.48 2.33 -6.73
CA ASN A 166 15.45 2.24 -8.17
C ASN A 166 15.55 0.85 -8.73
N GLN A 167 16.32 0.00 -8.09
CA GLN A 167 16.46 -1.38 -8.53
C GLN A 167 15.19 -2.18 -8.10
N VAL A 168 14.61 -1.82 -6.97
CA VAL A 168 13.40 -2.51 -6.52
C VAL A 168 12.21 -2.17 -7.44
N VAL A 169 12.14 -0.93 -7.88
CA VAL A 169 11.07 -0.48 -8.77
C VAL A 169 11.00 -1.43 -9.99
N VAL A 170 12.16 -1.68 -10.58
CA VAL A 170 12.21 -2.51 -11.78
C VAL A 170 11.67 -3.91 -11.57
N SER A 171 12.10 -4.55 -10.47
CA SER A 171 11.69 -5.92 -10.22
C SER A 171 10.21 -6.03 -9.90
N VAL A 172 9.74 -5.10 -9.05
CA VAL A 172 8.36 -5.12 -8.65
C VAL A 172 7.46 -4.81 -9.82
N ALA A 173 7.88 -3.86 -10.66
CA ALA A 173 7.07 -3.51 -11.80
C ALA A 173 6.98 -4.74 -12.70
N ASN A 174 8.08 -5.48 -12.81
CA ASN A 174 8.06 -6.67 -13.71
C ASN A 174 7.10 -7.75 -13.26
N VAL A 175 7.01 -7.92 -11.94
CA VAL A 175 6.13 -8.93 -11.35
C VAL A 175 4.64 -8.59 -11.49
N ILE A 176 4.25 -7.37 -11.12
CA ILE A 176 2.86 -7.01 -11.19
C ILE A 176 2.48 -6.78 -12.65
N GLY A 177 3.40 -6.35 -13.49
CA GLY A 177 3.06 -6.16 -14.89
C GLY A 177 2.79 -7.48 -15.59
N ALA A 178 3.47 -8.54 -15.17
CA ALA A 178 3.25 -9.85 -15.81
C ALA A 178 1.85 -10.35 -15.45
N MET A 179 1.54 -10.26 -14.16
CA MET A 179 0.27 -10.70 -13.61
C MET A 179 -0.89 -9.96 -14.30
N CYS A 180 -0.70 -8.66 -14.52
CA CYS A 180 -1.73 -7.86 -15.15
C CYS A 180 -1.82 -8.01 -16.67
N PHE A 181 -0.68 -7.96 -17.35
CA PHE A 181 -0.59 -7.95 -18.80
C PHE A 181 0.22 -9.06 -19.48
N GLY A 182 0.68 -10.05 -18.70
CA GLY A 182 1.47 -11.10 -19.29
C GLY A 182 2.63 -10.60 -20.15
N GLN A 183 2.74 -11.17 -21.34
CA GLN A 183 3.78 -10.84 -22.31
C GLN A 183 3.63 -9.45 -22.88
N HIS A 184 2.41 -8.93 -22.90
CA HIS A 184 2.23 -7.57 -23.43
C HIS A 184 2.85 -6.50 -22.54
N PHE A 185 3.28 -6.87 -21.33
CA PHE A 185 3.89 -5.83 -20.47
C PHE A 185 5.22 -5.46 -21.06
N PRO A 186 5.42 -4.18 -21.39
CA PRO A 186 6.70 -3.70 -21.97
C PRO A 186 7.76 -3.41 -20.90
N GLU A 187 8.49 -4.44 -20.48
CA GLU A 187 9.53 -4.24 -19.45
C GLU A 187 10.53 -3.16 -19.86
N SER A 188 10.84 -3.11 -21.17
CA SER A 188 11.79 -2.15 -21.78
C SER A 188 11.21 -0.74 -21.99
N SER A 189 9.88 -0.59 -21.99
CA SER A 189 9.30 0.72 -22.21
C SER A 189 9.79 1.82 -21.28
N ASP A 190 10.34 2.88 -21.86
CA ASP A 190 10.80 3.98 -21.02
C ASP A 190 9.61 4.82 -20.53
N GLU A 191 8.50 4.70 -21.25
CA GLU A 191 7.24 5.33 -20.89
C GLU A 191 6.77 4.70 -19.56
N MET A 192 6.81 3.36 -19.45
CA MET A 192 6.33 2.77 -18.19
C MET A 192 7.33 2.95 -17.04
N LEU A 193 8.62 2.86 -17.35
CA LEU A 193 9.68 3.03 -16.37
C LEU A 193 9.64 4.45 -15.86
N SER A 194 9.41 5.41 -16.75
CA SER A 194 9.36 6.80 -16.32
C SER A 194 8.19 7.00 -15.35
N LEU A 195 7.11 6.26 -15.60
CA LEU A 195 5.94 6.25 -14.75
C LEU A 195 6.19 5.52 -13.39
N VAL A 196 6.66 4.28 -13.42
CA VAL A 196 6.82 3.61 -12.13
C VAL A 196 7.91 4.24 -11.25
N LYS A 197 8.83 4.99 -11.83
CA LYS A 197 9.89 5.59 -11.03
C LYS A 197 9.40 6.87 -10.40
N ASN A 198 8.23 7.33 -10.85
CA ASN A 198 7.71 8.60 -10.37
C ASN A 198 6.35 8.62 -9.69
N THR A 199 5.97 7.51 -9.05
CA THR A 199 4.69 7.46 -8.42
C THR A 199 4.67 8.45 -7.23
N HIS A 200 5.82 8.98 -6.82
CA HIS A 200 5.76 9.96 -5.73
C HIS A 200 4.89 11.18 -6.19
N GLU A 201 4.75 11.38 -7.51
CA GLU A 201 3.93 12.45 -8.00
C GLU A 201 2.46 12.15 -7.78
N PHE A 202 2.11 10.86 -7.71
CA PHE A 202 0.72 10.50 -7.44
C PHE A 202 0.45 10.62 -5.86
N VAL A 203 1.27 9.89 -5.14
CA VAL A 203 1.19 9.67 -3.70
C VAL A 203 1.26 10.89 -2.80
N GLU A 204 2.09 11.83 -3.21
CA GLU A 204 2.22 13.07 -2.46
C GLU A 204 0.96 13.90 -2.56
N THR A 205 0.27 13.82 -3.68
CA THR A 205 -0.94 14.64 -3.78
C THR A 205 -2.24 13.93 -3.32
N ALA A 206 -2.34 12.61 -3.52
CA ALA A 206 -3.55 11.88 -3.12
C ALA A 206 -3.41 11.32 -1.68
N SER A 207 -3.18 12.24 -0.75
CA SER A 207 -2.96 11.85 0.63
C SER A 207 -4.00 12.53 1.49
N SER A 208 -4.21 12.05 2.71
CA SER A 208 -5.20 12.62 3.62
C SER A 208 -4.84 14.02 4.04
N GLY A 209 -5.86 14.84 4.16
CA GLY A 209 -5.71 16.23 4.56
C GLY A 209 -5.00 17.16 3.57
N ASN A 210 -4.95 16.86 2.27
CA ASN A 210 -4.26 17.75 1.35
C ASN A 210 -5.10 19.00 1.26
N PRO A 211 -4.51 20.20 1.54
CA PRO A 211 -5.27 21.45 1.47
C PRO A 211 -6.02 21.63 0.13
N LEU A 212 -5.52 21.06 -0.95
CA LEU A 212 -6.23 21.21 -2.22
C LEU A 212 -7.66 20.70 -2.14
N ASP A 213 -7.92 19.70 -1.28
CA ASP A 213 -9.26 19.14 -1.18
C ASP A 213 -10.20 19.86 -0.23
N PHE A 214 -9.74 20.96 0.35
CA PHE A 214 -10.60 21.63 1.32
C PHE A 214 -10.75 23.15 1.16
N PHE A 215 -10.02 23.73 0.24
CA PHE A 215 -10.07 25.18 0.01
C PHE A 215 -10.12 25.27 -1.49
N PRO A 216 -11.31 25.34 -2.07
CA PRO A 216 -11.37 25.40 -3.53
C PRO A 216 -10.48 26.43 -4.21
N ILE A 217 -10.18 27.51 -3.48
CA ILE A 217 -9.35 28.57 -4.06
C ILE A 217 -8.01 28.04 -4.52
N LEU A 218 -7.41 27.19 -3.69
CA LEU A 218 -6.10 26.65 -4.00
C LEU A 218 -5.98 26.07 -5.38
N ARG A 219 -7.04 25.46 -5.92
CA ARG A 219 -6.86 24.86 -7.24
C ARG A 219 -6.71 25.81 -8.42
N TYR A 220 -6.94 27.12 -8.21
CA TYR A 220 -6.82 28.12 -9.27
C TYR A 220 -5.45 28.72 -9.30
N LEU A 221 -4.71 28.53 -8.23
CA LEU A 221 -3.37 29.05 -8.15
C LEU A 221 -2.35 28.17 -8.86
N PRO A 222 -1.36 28.78 -9.54
CA PRO A 222 -0.38 27.90 -10.18
C PRO A 222 0.13 27.02 -9.05
N ASN A 223 0.20 25.71 -9.34
CA ASN A 223 0.60 24.73 -8.34
C ASN A 223 1.34 23.61 -9.07
N PRO A 224 2.70 23.57 -9.00
CA PRO A 224 3.48 22.52 -9.68
C PRO A 224 3.16 21.08 -9.18
N ALA A 225 3.06 20.86 -7.85
CA ALA A 225 2.69 19.55 -7.32
C ALA A 225 1.38 19.13 -8.01
N LEU A 226 0.37 20.00 -8.00
CA LEU A 226 -0.87 19.62 -8.67
C LEU A 226 -0.72 19.30 -10.14
N GLN A 227 0.06 20.12 -10.86
CA GLN A 227 0.24 19.88 -12.31
C GLN A 227 0.94 18.56 -12.56
N ARG A 228 1.91 18.23 -11.72
CA ARG A 228 2.60 16.94 -11.77
C ARG A 228 1.62 15.82 -11.45
N PHE A 229 0.69 16.05 -10.52
CA PHE A 229 -0.29 15.01 -10.19
C PHE A 229 -1.19 14.76 -11.45
N LYS A 230 -1.67 15.85 -12.03
CA LYS A 230 -2.52 15.76 -13.23
C LYS A 230 -1.80 15.06 -14.44
N ALA A 231 -0.53 15.40 -14.65
CA ALA A 231 0.22 14.85 -15.78
C ALA A 231 0.52 13.37 -15.50
N PHE A 232 0.84 13.05 -14.25
CA PHE A 232 1.12 11.68 -13.92
C PHE A 232 -0.10 10.84 -14.19
N ASN A 233 -1.26 11.33 -13.76
CA ASN A 233 -2.49 10.58 -13.94
C ASN A 233 -2.85 10.39 -15.44
N GLN A 234 -2.66 11.44 -16.24
CA GLN A 234 -2.92 11.37 -17.68
C GLN A 234 -1.99 10.35 -18.33
N ARG A 235 -0.69 10.44 -18.01
CA ARG A 235 0.30 9.48 -18.54
C ARG A 235 0.02 8.07 -18.05
N PHE A 236 -0.39 7.90 -16.79
CA PHE A 236 -0.71 6.58 -16.25
C PHE A 236 -1.89 5.96 -17.01
N LEU A 237 -2.95 6.73 -17.19
CA LEU A 237 -4.16 6.23 -17.84
C LEU A 237 -3.89 5.82 -19.29
N TRP A 238 -3.07 6.63 -19.97
CA TRP A 238 -2.73 6.43 -21.39
C TRP A 238 -1.94 5.15 -21.53
N PHE A 239 -0.93 4.99 -20.69
CA PHE A 239 -0.12 3.76 -20.71
C PHE A 239 -0.96 2.50 -20.43
N LEU A 240 -1.81 2.57 -19.40
CA LEU A 240 -2.67 1.44 -19.06
C LEU A 240 -3.66 1.12 -20.23
N GLN A 241 -4.32 2.14 -20.76
CA GLN A 241 -5.28 1.94 -21.84
C GLN A 241 -4.60 1.37 -23.10
N LYS A 242 -3.41 1.88 -23.42
CA LYS A 242 -2.67 1.44 -24.60
C LYS A 242 -2.30 -0.03 -24.41
N THR A 243 -1.81 -0.35 -23.22
CA THR A 243 -1.43 -1.72 -22.93
C THR A 243 -2.62 -2.68 -22.99
N VAL A 244 -3.79 -2.29 -22.46
CA VAL A 244 -4.95 -3.18 -22.51
C VAL A 244 -5.36 -3.33 -23.98
N GLN A 245 -5.35 -2.22 -24.72
CA GLN A 245 -5.72 -2.24 -26.13
C GLN A 245 -4.89 -3.30 -26.86
N GLU A 246 -3.56 -3.23 -26.75
CA GLU A 246 -2.66 -4.20 -27.40
C GLU A 246 -3.11 -5.57 -26.98
N HIS A 247 -3.12 -5.77 -25.69
CA HIS A 247 -3.51 -7.02 -25.08
C HIS A 247 -4.72 -7.61 -25.76
N TYR A 248 -5.72 -6.75 -25.86
CA TYR A 248 -6.98 -7.11 -26.46
C TYR A 248 -6.73 -7.84 -27.77
N GLN A 249 -5.84 -7.27 -28.60
CA GLN A 249 -5.48 -7.85 -29.91
C GLN A 249 -5.09 -9.33 -29.85
N ASP A 250 -4.20 -9.68 -28.91
CA ASP A 250 -3.75 -11.06 -28.77
C ASP A 250 -4.47 -11.71 -27.60
N PHE A 251 -5.80 -11.84 -27.71
CA PHE A 251 -6.60 -12.43 -26.64
C PHE A 251 -7.67 -13.41 -27.08
N ASP A 252 -7.68 -14.57 -26.45
CA ASP A 252 -8.66 -15.61 -26.72
C ASP A 252 -9.25 -16.10 -25.40
N LYS A 253 -10.57 -16.24 -25.37
CA LYS A 253 -11.30 -16.66 -24.17
C LYS A 253 -10.99 -18.10 -23.76
N ASN A 254 -10.41 -18.87 -24.68
CA ASN A 254 -10.07 -20.26 -24.39
C ASN A 254 -8.69 -20.38 -23.75
N SER A 255 -8.03 -19.24 -23.58
CA SER A 255 -6.69 -19.22 -22.99
C SER A 255 -6.41 -17.88 -22.28
N VAL A 256 -7.02 -17.71 -21.11
CA VAL A 256 -6.81 -16.52 -20.31
C VAL A 256 -5.51 -16.79 -19.59
N ARG A 257 -4.57 -15.85 -19.67
CA ARG A 257 -3.27 -16.04 -19.03
C ARG A 257 -2.87 -14.94 -18.04
N ASP A 258 -3.66 -13.88 -17.93
CA ASP A 258 -3.39 -12.79 -16.99
C ASP A 258 -4.68 -12.08 -16.52
N ILE A 259 -4.51 -11.11 -15.64
CA ILE A 259 -5.65 -10.39 -15.07
C ILE A 259 -6.47 -9.67 -16.15
N THR A 260 -5.81 -8.96 -17.07
CA THR A 260 -6.51 -8.25 -18.12
C THR A 260 -7.42 -9.18 -18.91
N GLY A 261 -6.91 -10.33 -19.33
CA GLY A 261 -7.71 -11.29 -20.09
C GLY A 261 -8.85 -11.85 -19.25
N ALA A 262 -8.59 -12.10 -17.97
CA ALA A 262 -9.68 -12.61 -17.14
C ALA A 262 -10.81 -11.60 -16.98
N LEU A 263 -10.46 -10.31 -16.88
CA LEU A 263 -11.49 -9.29 -16.77
C LEU A 263 -12.19 -9.16 -18.15
N PHE A 264 -11.47 -9.40 -19.24
CA PHE A 264 -12.07 -9.33 -20.58
C PHE A 264 -13.12 -10.45 -20.67
N LYS A 265 -12.68 -11.66 -20.32
CA LYS A 265 -13.59 -12.80 -20.39
C LYS A 265 -14.85 -12.56 -19.56
N HIS A 266 -14.67 -12.10 -18.32
CA HIS A 266 -15.86 -11.80 -17.51
C HIS A 266 -16.74 -10.74 -18.12
N SER A 267 -16.16 -9.60 -18.52
CA SER A 267 -16.98 -8.56 -19.06
C SER A 267 -17.76 -9.07 -20.26
N LYS A 268 -17.18 -10.02 -20.97
CA LYS A 268 -17.81 -10.59 -22.15
C LYS A 268 -19.01 -11.42 -21.72
N LYS A 269 -18.97 -12.01 -20.53
CA LYS A 269 -20.10 -12.80 -20.10
C LYS A 269 -21.19 -11.95 -19.48
N GLY A 270 -20.89 -10.69 -19.16
CA GLY A 270 -21.92 -9.88 -18.56
C GLY A 270 -22.12 -9.91 -17.04
N PRO A 271 -21.12 -9.42 -16.31
CA PRO A 271 -21.19 -9.35 -14.83
C PRO A 271 -22.35 -8.36 -14.51
N ARG A 272 -23.08 -8.59 -13.44
CA ARG A 272 -24.16 -7.71 -13.09
C ARG A 272 -24.03 -7.22 -11.63
N ALA A 273 -24.87 -6.25 -11.28
CA ALA A 273 -24.94 -5.72 -9.91
C ALA A 273 -26.38 -5.27 -9.81
N SER A 274 -27.06 -5.79 -8.80
CA SER A 274 -28.42 -5.49 -8.50
C SER A 274 -29.38 -5.64 -9.77
N GLY A 275 -29.14 -6.69 -10.55
CA GLY A 275 -29.99 -6.96 -11.73
C GLY A 275 -29.53 -6.23 -13.02
N ASN A 276 -28.53 -5.40 -12.89
CA ASN A 276 -28.08 -4.60 -14.03
C ASN A 276 -26.76 -4.97 -14.57
N LEU A 277 -26.62 -4.85 -15.89
CA LEU A 277 -25.29 -5.09 -16.45
C LEU A 277 -24.32 -3.97 -15.97
N ILE A 278 -23.10 -4.37 -15.66
CA ILE A 278 -22.02 -3.44 -15.32
C ILE A 278 -21.29 -3.15 -16.66
N PRO A 279 -21.16 -1.88 -17.05
CA PRO A 279 -20.48 -1.45 -18.30
C PRO A 279 -19.10 -1.99 -18.36
N GLN A 280 -18.76 -2.53 -19.54
CA GLN A 280 -17.48 -3.09 -19.79
C GLN A 280 -16.30 -2.21 -19.35
N GLU A 281 -16.35 -0.92 -19.63
CA GLU A 281 -15.29 -0.02 -19.25
C GLU A 281 -15.00 -0.08 -17.71
N LYS A 282 -16.02 -0.24 -16.87
CA LYS A 282 -15.79 -0.33 -15.40
C LYS A 282 -15.24 -1.68 -14.91
N ILE A 283 -15.15 -2.64 -15.83
CA ILE A 283 -14.61 -3.95 -15.50
C ILE A 283 -13.17 -4.04 -15.93
N VAL A 284 -12.91 -3.72 -17.21
CA VAL A 284 -11.53 -3.76 -17.73
C VAL A 284 -10.60 -2.70 -17.08
N ASN A 285 -11.13 -1.56 -16.65
CA ASN A 285 -10.28 -0.57 -16.04
C ASN A 285 -9.83 -0.95 -14.60
N LEU A 286 -10.22 -2.12 -14.09
CA LEU A 286 -9.83 -2.59 -12.75
C LEU A 286 -8.30 -2.90 -12.66
N VAL A 287 -7.68 -3.15 -13.81
CA VAL A 287 -6.24 -3.38 -13.78
C VAL A 287 -5.53 -2.06 -13.45
N ASN A 288 -6.19 -0.92 -13.67
CA ASN A 288 -5.56 0.36 -13.34
C ASN A 288 -5.29 0.40 -11.82
N ASP A 289 -6.26 -0.06 -11.05
CA ASP A 289 -6.13 -0.03 -9.55
C ASP A 289 -5.14 -1.11 -9.09
N ILE A 290 -5.24 -2.29 -9.70
CA ILE A 290 -4.38 -3.42 -9.34
C ILE A 290 -2.93 -3.08 -9.61
N PHE A 291 -2.64 -2.56 -10.80
CA PHE A 291 -1.26 -2.20 -11.13
C PHE A 291 -0.75 -1.01 -10.31
N GLY A 292 -1.57 0.04 -10.20
CA GLY A 292 -1.16 1.22 -9.46
C GLY A 292 -0.81 0.95 -8.00
N ALA A 293 -1.78 0.41 -7.27
CA ALA A 293 -1.65 0.09 -5.85
C ALA A 293 -0.61 -1.02 -5.63
N GLY A 294 -0.68 -2.06 -6.46
CA GLY A 294 0.25 -3.15 -6.29
C GLY A 294 1.71 -2.85 -6.48
N PHE A 295 1.98 -1.96 -7.44
CA PHE A 295 3.33 -1.58 -7.73
C PHE A 295 3.90 -0.70 -6.62
N ASP A 296 3.20 0.38 -6.37
CA ASP A 296 3.74 1.36 -5.45
C ASP A 296 3.95 0.88 -4.05
N THR A 297 2.95 0.21 -3.49
CA THR A 297 3.01 -0.29 -2.10
C THR A 297 4.14 -1.25 -1.83
N VAL A 298 4.26 -2.25 -2.69
CA VAL A 298 5.25 -3.27 -2.51
C VAL A 298 6.64 -2.71 -2.74
N THR A 299 6.75 -1.79 -3.71
CA THR A 299 8.06 -1.19 -3.99
C THR A 299 8.47 -0.39 -2.74
N THR A 300 7.50 0.32 -2.19
CA THR A 300 7.85 1.15 -1.01
C THR A 300 8.22 0.25 0.18
N ALA A 301 7.42 -0.80 0.42
CA ALA A 301 7.73 -1.72 1.50
C ALA A 301 9.11 -2.38 1.36
N ILE A 302 9.42 -2.93 0.18
CA ILE A 302 10.69 -3.60 0.00
C ILE A 302 11.89 -2.66 0.14
N SER A 303 11.77 -1.43 -0.38
CA SER A 303 12.81 -0.41 -0.27
C SER A 303 13.02 -0.03 1.20
N TRP A 304 11.93 0.19 1.95
CA TRP A 304 12.04 0.52 3.42
C TRP A 304 12.75 -0.68 4.13
N SER A 305 12.35 -1.94 3.86
CA SER A 305 13.03 -3.11 4.45
C SER A 305 14.57 -3.09 4.21
N LEU A 306 15.00 -2.91 2.96
CA LEU A 306 16.44 -2.88 2.62
C LEU A 306 17.15 -1.77 3.40
N MET A 307 16.52 -0.61 3.52
CA MET A 307 17.12 0.51 4.23
C MET A 307 17.24 0.21 5.71
N TYR A 308 16.27 -0.50 6.27
CA TYR A 308 16.31 -0.94 7.65
C TYR A 308 17.50 -1.89 7.82
N LEU A 309 17.65 -2.87 6.94
CA LEU A 309 18.76 -3.80 7.03
C LEU A 309 20.14 -3.07 6.95
N VAL A 310 20.26 -2.11 6.01
CA VAL A 310 21.48 -1.31 5.84
C VAL A 310 21.80 -0.58 7.14
N THR A 311 20.76 -0.13 7.81
CA THR A 311 20.96 0.61 9.07
C THR A 311 20.95 -0.29 10.34
N LYS A 312 20.81 -1.60 10.18
CA LYS A 312 20.77 -2.53 11.33
C LYS A 312 21.42 -3.83 10.93
N PRO A 313 22.74 -3.80 10.84
CA PRO A 313 23.55 -4.98 10.46
C PRO A 313 23.23 -6.25 11.26
N GLU A 314 23.07 -6.10 12.55
CA GLU A 314 22.74 -7.24 13.43
C GLU A 314 21.41 -7.94 13.09
N ILE A 315 20.39 -7.14 12.79
CA ILE A 315 19.08 -7.67 12.41
C ILE A 315 19.31 -8.40 11.10
N GLN A 316 20.01 -7.71 10.18
CA GLN A 316 20.27 -8.36 8.90
C GLN A 316 20.96 -9.66 9.17
N ARG A 317 21.95 -9.64 10.07
CA ARG A 317 22.71 -10.88 10.39
C ARG A 317 21.83 -11.96 11.02
N LYS A 318 20.96 -11.59 11.94
CA LYS A 318 20.07 -12.60 12.50
C LYS A 318 19.25 -13.21 11.33
N ILE A 319 18.66 -12.38 10.47
CA ILE A 319 17.88 -12.95 9.38
C ILE A 319 18.71 -13.96 8.60
N GLN A 320 19.95 -13.61 8.29
CA GLN A 320 20.82 -14.51 7.53
C GLN A 320 21.12 -15.81 8.29
N LYS A 321 21.39 -15.70 9.59
CA LYS A 321 21.65 -16.89 10.41
C LYS A 321 20.47 -17.87 10.31
N GLU A 322 19.25 -17.36 10.48
CA GLU A 322 18.06 -18.21 10.36
C GLU A 322 17.92 -18.91 8.99
N LEU A 323 18.25 -18.24 7.89
CA LEU A 323 18.06 -18.91 6.60
C LEU A 323 19.02 -20.08 6.42
N ASP A 324 20.22 -19.88 6.95
CA ASP A 324 21.29 -20.87 6.90
C ASP A 324 20.86 -22.14 7.66
N THR A 325 20.37 -21.90 8.87
CA THR A 325 19.92 -22.95 9.77
C THR A 325 18.73 -23.74 9.28
N VAL A 326 17.75 -23.02 8.72
CA VAL A 326 16.53 -23.64 8.27
C VAL A 326 16.59 -24.16 6.84
N ILE A 327 17.13 -23.36 5.93
CA ILE A 327 17.15 -23.81 4.54
C ILE A 327 18.48 -24.39 4.17
N GLY A 328 19.53 -23.86 4.81
CA GLY A 328 20.87 -24.26 4.47
C GLY A 328 21.29 -23.33 3.34
N ARG A 329 22.12 -23.84 2.42
CA ARG A 329 22.63 -23.09 1.28
C ARG A 329 22.63 -24.05 0.07
N GLU A 330 21.80 -25.07 0.15
CA GLU A 330 21.75 -26.04 -0.92
C GLU A 330 20.54 -25.83 -1.85
N ARG A 331 19.65 -24.93 -1.44
CA ARG A 331 18.46 -24.62 -2.23
C ARG A 331 18.02 -23.20 -1.88
N ARG A 332 17.21 -22.58 -2.73
CA ARG A 332 16.74 -21.23 -2.42
C ARG A 332 15.50 -21.31 -1.55
N PRO A 333 15.23 -20.25 -0.77
CA PRO A 333 14.06 -20.20 0.10
C PRO A 333 12.82 -20.28 -0.78
N ARG A 334 11.70 -20.65 -0.19
CA ARG A 334 10.45 -20.78 -0.93
C ARG A 334 9.32 -20.26 -0.05
N LEU A 335 8.14 -20.14 -0.63
CA LEU A 335 6.99 -19.64 0.10
C LEU A 335 6.65 -20.61 1.23
N SER A 336 6.72 -21.91 0.88
CA SER A 336 6.42 -22.99 1.83
C SER A 336 7.35 -23.01 3.04
N ASP A 337 8.37 -22.14 3.03
CA ASP A 337 9.31 -22.03 4.15
C ASP A 337 8.87 -20.88 5.05
N ARG A 338 7.85 -20.14 4.65
CA ARG A 338 7.47 -19.01 5.47
C ARG A 338 7.17 -19.23 6.97
N PRO A 339 6.38 -20.26 7.32
CA PRO A 339 6.10 -20.48 8.74
C PRO A 339 7.38 -20.80 9.53
N GLN A 340 8.33 -21.46 8.87
CA GLN A 340 9.62 -21.81 9.50
C GLN A 340 10.67 -20.73 9.53
N LEU A 341 10.38 -19.56 8.95
CA LEU A 341 11.32 -18.44 9.00
C LEU A 341 10.72 -17.34 9.86
N PRO A 342 10.42 -17.66 11.11
CA PRO A 342 9.83 -16.72 12.06
C PRO A 342 10.46 -15.34 12.07
N TYR A 343 11.77 -15.32 12.14
CA TYR A 343 12.44 -14.05 12.30
C TYR A 343 12.30 -13.12 11.09
N LEU A 344 12.28 -13.68 9.89
CA LEU A 344 12.14 -12.82 8.72
C LEU A 344 10.71 -12.24 8.72
N GLU A 345 9.71 -13.10 9.00
CA GLU A 345 8.32 -12.63 9.05
C GLU A 345 8.19 -11.48 10.07
N ALA A 346 8.85 -11.62 11.21
CA ALA A 346 8.77 -10.58 12.22
C ALA A 346 9.52 -9.33 11.75
N PHE A 347 10.48 -9.52 10.84
CA PHE A 347 11.25 -8.36 10.37
C PHE A 347 10.28 -7.54 9.51
N ILE A 348 9.59 -8.26 8.63
CA ILE A 348 8.63 -7.64 7.72
C ILE A 348 7.53 -6.93 8.53
N LEU A 349 6.95 -7.63 9.49
CA LEU A 349 5.92 -7.02 10.33
C LEU A 349 6.43 -5.75 10.98
N GLU A 350 7.69 -5.75 11.43
CA GLU A 350 8.28 -4.55 12.10
C GLU A 350 8.61 -3.45 11.05
N THR A 351 8.93 -3.83 9.82
CA THR A 351 9.12 -2.83 8.77
C THR A 351 7.74 -2.11 8.60
N PHE A 352 6.66 -2.88 8.53
CA PHE A 352 5.30 -2.31 8.38
C PHE A 352 4.92 -1.40 9.58
N ARG A 353 5.14 -1.89 10.80
CA ARG A 353 4.75 -1.10 11.97
C ARG A 353 5.54 0.20 12.10
N HIS A 354 6.85 0.04 12.21
CA HIS A 354 7.72 1.17 12.45
C HIS A 354 7.61 2.22 11.33
N SER A 355 7.69 1.81 10.07
CA SER A 355 7.58 2.84 9.01
C SER A 355 6.15 3.36 8.95
N SER A 356 5.17 2.44 9.12
CA SER A 356 3.74 2.74 8.95
C SER A 356 3.63 3.50 7.61
N PHE A 357 4.26 2.97 6.57
CA PHE A 357 4.33 3.73 5.31
C PHE A 357 3.00 4.10 4.67
N LEU A 358 1.93 3.51 5.20
CA LEU A 358 0.56 3.95 4.86
C LEU A 358 0.16 4.59 6.18
N PRO A 359 0.48 5.87 6.36
CA PRO A 359 0.11 6.51 7.64
C PRO A 359 -1.40 6.57 7.96
N PHE A 360 -2.17 6.71 6.91
CA PHE A 360 -3.61 6.77 6.98
C PHE A 360 -4.13 5.77 5.95
N THR A 361 -5.35 5.28 6.15
CA THR A 361 -5.94 4.49 5.06
C THR A 361 -6.38 5.59 4.06
N ILE A 362 -6.87 5.20 2.89
CA ILE A 362 -7.42 6.17 1.99
C ILE A 362 -8.66 6.71 2.78
N PRO A 363 -8.98 8.00 2.66
CA PRO A 363 -10.11 8.55 3.39
C PRO A 363 -11.43 7.81 3.19
N HIS A 364 -12.23 7.79 4.25
CA HIS A 364 -13.52 7.09 4.17
C HIS A 364 -14.53 8.14 4.23
N SER A 365 -15.78 7.73 4.08
CA SER A 365 -16.89 8.66 4.15
C SER A 365 -18.06 7.83 4.68
N THR A 366 -18.96 8.47 5.45
CA THR A 366 -20.09 7.77 5.99
C THR A 366 -21.22 7.69 4.95
N THR A 367 -21.83 6.53 4.90
CA THR A 367 -22.91 6.29 3.95
C THR A 367 -24.28 6.69 4.46
N ARG A 368 -24.44 6.87 5.78
CA ARG A 368 -25.74 7.32 6.30
C ARG A 368 -25.44 7.99 7.69
N ASP A 369 -26.41 8.64 8.29
CA ASP A 369 -26.22 9.20 9.63
C ASP A 369 -26.03 8.02 10.57
N THR A 370 -25.12 8.14 11.55
CA THR A 370 -24.89 7.11 12.57
C THR A 370 -24.40 7.75 13.89
N THR A 371 -24.16 6.89 14.86
CA THR A 371 -23.57 7.28 16.13
C THR A 371 -22.42 6.28 16.27
N LEU A 372 -21.27 6.79 16.72
CA LEU A 372 -20.10 6.01 16.97
C LEU A 372 -19.71 6.33 18.45
N ASN A 373 -19.78 5.32 19.32
CA ASN A 373 -19.46 5.50 20.76
C ASN A 373 -20.30 6.61 21.29
N GLY A 374 -21.57 6.64 20.86
CA GLY A 374 -22.50 7.68 21.27
C GLY A 374 -22.49 9.04 20.56
N PHE A 375 -21.49 9.30 19.74
CA PHE A 375 -21.45 10.58 19.07
C PHE A 375 -22.14 10.47 17.68
N TYR A 376 -22.98 11.46 17.37
CA TYR A 376 -23.67 11.60 16.09
C TYR A 376 -22.69 12.00 14.98
N ILE A 377 -22.79 11.28 13.87
CA ILE A 377 -21.96 11.58 12.73
C ILE A 377 -22.93 11.58 11.58
N PRO A 378 -22.99 12.67 10.83
CA PRO A 378 -23.91 12.81 9.69
C PRO A 378 -23.42 12.08 8.46
N LYS A 379 -24.35 11.78 7.56
CA LYS A 379 -24.03 11.12 6.31
C LYS A 379 -23.05 12.01 5.55
N LYS A 380 -22.15 11.36 4.80
CA LYS A 380 -21.13 11.97 3.99
C LYS A 380 -20.08 12.73 4.76
N CYS A 381 -19.82 12.28 5.98
CA CYS A 381 -18.78 12.90 6.77
C CYS A 381 -17.47 12.25 6.30
N CYS A 382 -16.49 13.11 5.96
CA CYS A 382 -15.14 12.62 5.61
C CYS A 382 -14.48 12.01 6.91
N VAL A 383 -13.76 10.90 6.76
CA VAL A 383 -13.18 10.19 7.88
C VAL A 383 -11.78 9.76 7.53
N PHE A 384 -10.86 10.10 8.43
CA PHE A 384 -9.45 9.72 8.31
C PHE A 384 -9.18 8.62 9.34
N VAL A 385 -8.42 7.61 8.99
CA VAL A 385 -8.12 6.53 9.92
C VAL A 385 -6.57 6.48 10.05
N ASN A 386 -6.08 6.85 11.24
CA ASN A 386 -4.63 6.95 11.52
C ASN A 386 -3.99 5.65 11.89
N GLN A 387 -3.49 4.93 10.87
CA GLN A 387 -2.83 3.65 11.07
C GLN A 387 -1.46 3.84 11.79
N TRP A 388 -0.81 4.97 11.57
CA TRP A 388 0.52 5.21 12.15
C TRP A 388 0.29 5.30 13.70
N GLN A 389 -0.81 5.91 14.09
CA GLN A 389 -1.17 6.09 15.52
C GLN A 389 -1.42 4.69 16.20
N VAL A 390 -2.17 3.84 15.53
CA VAL A 390 -2.44 2.50 15.99
C VAL A 390 -1.13 1.74 16.21
N ASN A 391 -0.22 1.89 15.25
CA ASN A 391 1.06 1.24 15.24
C ASN A 391 2.16 1.83 16.16
N HIS A 392 1.92 3.01 16.74
CA HIS A 392 2.88 3.67 17.61
C HIS A 392 2.23 4.00 18.97
N ASP A 393 1.02 3.47 19.20
CA ASP A 393 0.27 3.74 20.43
C ASP A 393 1.12 3.38 21.67
N PRO A 394 1.41 4.36 22.55
CA PRO A 394 2.23 4.16 23.77
C PRO A 394 1.71 3.04 24.61
N GLU A 395 0.38 2.98 24.71
CA GLU A 395 -0.37 2.00 25.47
C GLU A 395 -0.41 0.63 24.83
N LEU A 396 -0.15 0.58 23.53
CA LEU A 396 -0.19 -0.66 22.78
C LEU A 396 1.15 -1.39 22.57
N TRP A 397 2.26 -0.65 22.51
CA TRP A 397 3.58 -1.26 22.27
C TRP A 397 4.71 -0.79 23.21
N GLU A 398 5.69 -1.66 23.44
CA GLU A 398 6.83 -1.35 24.32
C GLU A 398 7.56 -0.05 23.98
N ASP A 399 8.51 -0.12 23.06
CA ASP A 399 9.20 1.12 22.69
C ASP A 399 8.81 1.42 21.25
N PRO A 400 7.62 2.04 21.04
CA PRO A 400 7.02 2.42 19.74
C PRO A 400 8.00 2.98 18.74
N SER A 401 8.85 3.93 19.16
CA SER A 401 9.86 4.53 18.27
C SER A 401 11.02 3.61 17.92
N GLU A 402 11.17 2.47 18.58
CA GLU A 402 12.31 1.66 18.23
C GLU A 402 11.98 0.56 17.27
N PHE A 403 12.98 0.23 16.45
CA PHE A 403 12.87 -0.81 15.47
C PHE A 403 13.21 -2.21 16.03
N ARG A 404 12.22 -3.01 16.39
CA ARG A 404 12.49 -4.33 17.00
C ARG A 404 11.70 -5.50 16.46
N PRO A 405 12.29 -6.27 15.54
CA PRO A 405 11.53 -7.41 15.00
C PRO A 405 11.09 -8.41 16.08
N GLU A 406 11.86 -8.45 17.17
CA GLU A 406 11.60 -9.39 18.27
C GLU A 406 10.24 -9.24 18.95
N ARG A 407 9.69 -8.02 18.95
CA ARG A 407 8.39 -7.77 19.57
C ARG A 407 7.25 -8.64 18.98
N PHE A 408 7.42 -9.20 17.78
CA PHE A 408 6.39 -10.04 17.18
C PHE A 408 6.67 -11.54 17.34
N LEU A 409 7.83 -11.91 17.89
CA LEU A 409 8.13 -13.32 18.04
C LEU A 409 7.55 -13.96 19.32
N THR A 410 7.24 -15.26 19.25
CA THR A 410 6.72 -16.02 20.43
C THR A 410 7.82 -16.06 21.49
N ALA A 411 7.40 -16.30 22.74
CA ALA A 411 8.31 -16.38 23.91
C ALA A 411 9.59 -17.17 23.63
N ASP A 412 9.47 -18.32 22.96
CA ASP A 412 10.61 -19.16 22.60
C ASP A 412 11.19 -18.78 21.22
N GLY A 413 10.73 -17.64 20.72
CA GLY A 413 11.20 -17.16 19.43
C GLY A 413 11.21 -18.21 18.35
N THR A 414 10.19 -19.05 18.25
CA THR A 414 10.19 -20.09 17.20
C THR A 414 9.01 -19.89 16.25
N ALA A 415 8.23 -18.86 16.53
CA ALA A 415 7.07 -18.55 15.71
C ALA A 415 6.65 -17.09 15.95
N ILE A 416 5.73 -16.60 15.13
CA ILE A 416 5.26 -15.24 15.28
C ILE A 416 4.10 -15.19 16.28
N ASN A 417 4.14 -14.21 17.17
CA ASN A 417 3.03 -14.04 18.12
C ASN A 417 1.85 -13.51 17.25
N LYS A 418 0.92 -14.38 16.81
CA LYS A 418 -0.22 -14.00 15.94
C LYS A 418 -1.15 -13.00 16.60
N PRO A 419 -1.44 -13.22 17.89
CA PRO A 419 -2.33 -12.23 18.51
C PRO A 419 -1.74 -10.81 18.38
N LEU A 420 -0.46 -10.65 18.70
CA LEU A 420 0.15 -9.30 18.61
C LEU A 420 0.30 -8.80 17.15
N SER A 421 0.56 -9.71 16.20
CA SER A 421 0.67 -9.24 14.83
C SER A 421 -0.64 -8.51 14.47
N GLU A 422 -1.78 -9.05 14.96
CA GLU A 422 -3.12 -8.50 14.74
C GLU A 422 -3.36 -7.09 15.26
N LYS A 423 -2.50 -6.55 16.10
CA LYS A 423 -2.78 -5.19 16.56
C LYS A 423 -2.03 -4.17 15.69
N MET A 424 -1.30 -4.67 14.70
CA MET A 424 -0.48 -3.87 13.77
C MET A 424 -1.38 -3.70 12.55
N MET A 425 -1.80 -2.46 12.32
CA MET A 425 -2.69 -2.09 11.22
C MET A 425 -2.05 -1.31 10.07
N LEU A 426 -1.97 -1.95 8.89
CA LEU A 426 -1.41 -1.28 7.76
C LEU A 426 -2.22 -1.53 6.46
N PHE A 427 -3.13 -2.47 6.51
CA PHE A 427 -3.90 -2.78 5.28
C PHE A 427 -5.37 -2.34 5.34
N GLY A 428 -5.71 -1.47 6.29
CA GLY A 428 -7.11 -1.09 6.44
C GLY A 428 -7.82 -2.20 7.24
N MET A 429 -9.15 -2.21 7.20
CA MET A 429 -9.97 -3.14 7.95
C MET A 429 -11.39 -3.03 7.40
N GLY A 430 -12.19 -4.08 7.44
CA GLY A 430 -13.56 -3.91 7.03
C GLY A 430 -13.82 -3.98 5.56
N LYS A 431 -14.90 -3.32 5.13
CA LYS A 431 -15.33 -3.39 3.73
C LYS A 431 -14.29 -2.90 2.70
N ARG A 432 -13.48 -1.92 3.10
CA ARG A 432 -12.47 -1.40 2.18
C ARG A 432 -11.05 -1.95 2.31
N ARG A 433 -10.86 -2.99 3.10
CA ARG A 433 -9.50 -3.47 3.33
C ARG A 433 -8.80 -3.98 2.07
N CYS A 434 -7.49 -3.75 2.04
CA CYS A 434 -6.65 -4.14 0.91
C CYS A 434 -6.97 -5.51 0.24
N ILE A 435 -7.19 -5.52 -1.07
CA ILE A 435 -7.48 -6.81 -1.68
C ILE A 435 -6.18 -7.55 -2.04
N GLY A 436 -4.99 -6.91 -1.92
CA GLY A 436 -3.74 -7.57 -2.27
C GLY A 436 -2.91 -7.86 -1.03
N GLU A 437 -3.55 -7.88 0.15
CA GLU A 437 -2.77 -8.11 1.35
C GLU A 437 -1.92 -9.41 1.38
N VAL A 438 -2.55 -10.56 1.13
CA VAL A 438 -1.83 -11.82 1.14
C VAL A 438 -0.73 -11.78 0.09
N LEU A 439 -1.10 -11.37 -1.13
CA LEU A 439 -0.16 -11.24 -2.23
C LEU A 439 1.05 -10.39 -1.82
N ALA A 440 0.77 -9.25 -1.21
CA ALA A 440 1.85 -8.39 -0.80
C ALA A 440 2.74 -9.11 0.21
N LYS A 441 2.15 -9.69 1.26
CA LYS A 441 2.95 -10.40 2.30
C LYS A 441 3.82 -11.50 1.72
N TRP A 442 3.27 -12.30 0.79
CA TRP A 442 4.03 -13.39 0.18
C TRP A 442 5.19 -12.92 -0.74
N GLU A 443 4.93 -11.89 -1.54
CA GLU A 443 5.92 -11.32 -2.42
C GLU A 443 7.05 -10.63 -1.64
N ILE A 444 6.69 -9.87 -0.64
CA ILE A 444 7.76 -9.22 0.10
C ILE A 444 8.64 -10.30 0.75
N PHE A 445 7.99 -11.31 1.33
CA PHE A 445 8.71 -12.41 1.95
C PHE A 445 9.71 -13.08 1.01
N LEU A 446 9.22 -13.49 -0.14
CA LEU A 446 10.03 -14.25 -1.06
C LEU A 446 11.15 -13.39 -1.66
N PHE A 447 10.88 -12.10 -1.86
CA PHE A 447 11.88 -11.24 -2.42
C PHE A 447 13.05 -11.12 -1.46
N LEU A 448 12.73 -10.84 -0.20
CA LEU A 448 13.75 -10.64 0.84
C LEU A 448 14.47 -11.96 1.17
N ALA A 449 13.74 -13.08 1.21
CA ALA A 449 14.42 -14.33 1.52
C ALA A 449 15.45 -14.69 0.42
N ILE A 450 15.01 -14.72 -0.85
CA ILE A 450 15.92 -15.07 -1.95
C ILE A 450 17.13 -14.15 -1.96
N LEU A 451 16.86 -12.86 -1.81
CA LEU A 451 17.84 -11.79 -1.80
C LEU A 451 18.89 -11.99 -0.71
N LEU A 452 18.42 -11.92 0.53
CA LEU A 452 19.27 -12.06 1.72
C LEU A 452 19.95 -13.40 1.90
N GLN A 453 19.54 -14.44 1.18
CA GLN A 453 20.23 -15.73 1.30
C GLN A 453 21.62 -15.51 0.64
N GLN A 454 21.65 -14.69 -0.41
CA GLN A 454 22.88 -14.44 -1.15
C GLN A 454 23.61 -13.11 -0.89
N LEU A 455 22.87 -12.07 -0.58
CA LEU A 455 23.49 -10.76 -0.44
C LEU A 455 23.28 -10.10 0.87
N GLU A 456 24.33 -9.40 1.31
CA GLU A 456 24.35 -8.61 2.53
C GLU A 456 24.43 -7.19 2.04
N PHE A 457 23.52 -6.35 2.51
CA PHE A 457 23.44 -4.95 2.13
C PHE A 457 24.02 -4.03 3.18
N SER A 458 24.66 -2.95 2.75
CA SER A 458 25.20 -1.99 3.71
C SER A 458 25.53 -0.72 2.98
N VAL A 459 25.99 0.24 3.77
CA VAL A 459 26.45 1.50 3.23
C VAL A 459 27.87 1.71 3.83
N PRO A 460 28.82 2.31 3.08
CA PRO A 460 30.15 2.51 3.66
C PRO A 460 30.12 3.26 4.99
N PRO A 461 31.10 2.97 5.89
CA PRO A 461 31.23 3.62 7.22
C PRO A 461 31.29 5.09 7.03
N GLY A 462 30.63 5.86 7.89
CA GLY A 462 30.67 7.30 7.72
C GLY A 462 29.52 7.83 6.86
N VAL A 463 29.06 7.05 5.90
CA VAL A 463 27.94 7.47 5.03
C VAL A 463 26.66 7.52 5.86
N LYS A 464 26.03 8.70 5.90
CA LYS A 464 24.82 8.84 6.67
C LYS A 464 23.59 8.38 5.85
N VAL A 465 22.57 7.89 6.55
CA VAL A 465 21.35 7.42 5.95
C VAL A 465 20.20 8.12 6.66
N ASP A 466 19.39 8.90 5.94
CA ASP A 466 18.25 9.57 6.54
C ASP A 466 17.02 8.63 6.37
N LEU A 467 16.45 8.21 7.49
CA LEU A 467 15.30 7.29 7.45
C LEU A 467 13.98 8.00 7.80
N THR A 468 13.99 9.32 7.72
CA THR A 468 12.80 10.12 8.04
C THR A 468 11.80 9.93 6.87
N PRO A 469 10.59 9.43 7.14
CA PRO A 469 9.64 9.25 6.01
C PRO A 469 9.11 10.55 5.48
N ILE A 470 8.85 10.58 4.16
CA ILE A 470 8.27 11.77 3.50
C ILE A 470 6.75 11.49 3.36
N TYR A 471 5.92 12.34 3.98
CA TYR A 471 4.47 12.18 4.01
C TYR A 471 3.82 12.05 2.63
N GLY A 472 2.86 11.16 2.51
CA GLY A 472 2.15 10.88 1.27
C GLY A 472 1.25 9.69 1.55
N LEU A 473 0.48 9.28 0.52
CA LEU A 473 -0.42 8.16 0.66
C LEU A 473 0.46 7.02 1.09
N THR A 474 1.61 6.88 0.42
CA THR A 474 2.62 5.90 0.85
C THR A 474 3.77 6.85 1.16
N MET A 475 4.41 6.61 2.29
CA MET A 475 5.53 7.46 2.67
C MET A 475 6.82 6.87 2.17
N LYS A 476 7.61 7.71 1.51
CA LYS A 476 8.92 7.32 0.96
C LYS A 476 10.08 7.81 1.84
N HIS A 477 11.24 7.21 1.62
CA HIS A 477 12.44 7.69 2.33
C HIS A 477 13.26 8.45 1.29
N ALA A 478 14.11 9.32 1.80
CA ALA A 478 15.00 10.09 0.94
C ALA A 478 15.83 9.10 0.09
N ARG A 479 16.17 9.48 -1.13
CA ARG A 479 16.97 8.57 -1.96
C ARG A 479 18.41 8.36 -1.47
N CYS A 480 18.82 7.12 -1.35
CA CYS A 480 20.20 6.85 -0.96
C CYS A 480 20.83 6.06 -2.08
N GLU A 481 21.78 6.67 -2.79
CA GLU A 481 22.43 5.97 -3.89
C GLU A 481 23.78 5.32 -3.56
N HIS A 482 24.09 5.17 -2.28
CA HIS A 482 25.37 4.57 -1.86
C HIS A 482 25.35 3.13 -1.29
N VAL A 483 24.22 2.46 -1.35
CA VAL A 483 24.12 1.13 -0.77
C VAL A 483 24.99 0.15 -1.55
N GLN A 484 25.49 -0.87 -0.84
CA GLN A 484 26.35 -1.89 -1.43
C GLN A 484 25.84 -3.29 -1.10
N ALA A 485 26.22 -4.24 -1.94
CA ALA A 485 25.80 -5.62 -1.74
C ALA A 485 27.00 -6.52 -2.03
N ARG A 486 27.21 -7.50 -1.17
CA ARG A 486 28.30 -8.41 -1.37
C ARG A 486 27.83 -9.76 -0.97
N ARG A 487 28.28 -10.78 -1.68
CA ARG A 487 27.92 -12.13 -1.28
C ARG A 487 28.66 -12.39 0.06
N PHE A 488 28.56 -13.60 0.61
CA PHE A 488 29.28 -13.88 1.85
C PHE A 488 29.47 -15.35 2.08
N SER A 489 30.70 -15.73 2.46
CA SER A 489 31.07 -17.12 2.72
C SER A 489 29.98 -17.88 3.45
CHA HEM B . -6.48 -0.62 -0.60
CHB HEM B . -2.39 -0.99 1.89
CHC HEM B . -0.50 -3.99 -1.27
CHD HEM B . -4.39 -3.27 -3.85
C1A HEM B . -5.55 -0.44 0.43
C2A HEM B . -5.71 0.39 1.60
C3A HEM B . -4.55 0.22 2.36
C4A HEM B . -3.72 -0.71 1.61
CMA HEM B . -4.21 0.89 3.77
CAA HEM B . -6.88 1.27 1.97
CBA HEM B . -7.99 0.65 2.81
CGA HEM B . -9.03 1.74 3.17
O1A HEM B . -9.60 1.72 4.23
O2A HEM B . -9.27 2.66 2.43
C1B HEM B . -1.45 -1.82 1.29
C2B HEM B . -0.14 -2.09 1.81
C3B HEM B . 0.46 -2.92 0.83
C4B HEM B . -0.56 -3.08 -0.20
CMB HEM B . 0.43 -1.57 3.14
CAB HEM B . 1.75 -3.48 0.81
CBB HEM B . 2.78 -3.64 1.87
C1C HEM B . -1.42 -4.18 -2.28
C2C HEM B . -1.22 -4.93 -3.41
C3C HEM B . -2.29 -4.60 -4.29
C4C HEM B . -3.06 -3.65 -3.57
CMC HEM B . -0.03 -5.93 -3.62
CAC HEM B . -2.66 -5.00 -5.56
CBC HEM B . -2.20 -6.09 -6.28
C1D HEM B . -5.24 -2.36 -3.31
C2D HEM B . -6.47 -1.96 -3.89
C3D HEM B . -7.12 -1.21 -2.96
C4D HEM B . -6.23 -1.20 -1.84
CMD HEM B . -6.97 -2.29 -5.32
CAD HEM B . -8.50 -0.51 -3.00
CBD HEM B . -9.67 -1.44 -2.45
CGD HEM B . -11.11 -0.80 -2.37
O1D HEM B . -12.18 -1.51 -2.27
O2D HEM B . -11.17 0.52 -2.39
NA HEM B . -4.32 -1.09 0.48
NB HEM B . -1.66 -2.42 0.11
NC HEM B . -2.50 -3.42 -2.39
ND HEM B . -5.14 -1.89 -2.11
FE HEM B . -3.54 -2.46 -0.86
C8 BHF C . -0.59 4.28 -5.35
C9 BHF C . -0.32 4.70 -6.65
O2 BHF C . 0.84 5.02 -6.92
C10 BHF C . -1.30 4.60 -7.65
C11 BHF C . -1.11 5.06 -8.94
C12 BHF C . -2.15 5.03 -9.86
C13 BHF C . -3.42 4.56 -9.50
C14 BHF C . -4.48 4.58 -10.39
C15 BHF C . -5.73 4.13 -9.99
C16 BHF C . -5.92 3.64 -8.70
C17 BHF C . -4.87 3.61 -7.80
C18 BHF C . -3.61 4.08 -8.20
C19 BHF C . -2.56 4.10 -7.30
O1 BHF C . -2.71 3.52 -6.09
C7 BHF C . -1.84 3.75 -5.06
C1 BHF C . -2.22 3.30 -3.81
C2 BHF C . -1.33 3.27 -2.73
C3 BHF C . -1.76 2.73 -1.53
C4 BHF C . -3.04 2.21 -1.38
C5 BHF C . -3.93 2.24 -2.46
C6 BHF C . -3.50 2.79 -3.66
#